data_4XPM
#
_entry.id   4XPM
#
_cell.length_a   48.118
_cell.length_b   48.118
_cell.length_c   223.377
_cell.angle_alpha   90.000
_cell.angle_beta   90.000
_cell.angle_gamma   90.000
#
_symmetry.space_group_name_H-M   'P 41 21 2'
#
loop_
_entity.id
_entity.type
_entity.pdbx_description
1 polymer 'Protein MEH1'
2 polymer 'Uncharacterized protein YCR075W-A'
3 polymer 'Protein SLM4'
4 water water
#
loop_
_entity_poly.entity_id
_entity_poly.type
_entity_poly.pdbx_seq_one_letter_code
_entity_poly.pdbx_strand_id
1 'polypeptide(L)' SPDSAKISKEQLKKLHSNILNEIFSQSQVNKPGPLTVPF A
2 'polypeptide(L)' SMEAEKQSDIKGTIAFDTHGNVIESTGVGSQRIEDIGDLSKVTLDAEGFAQVQGDSLLVHLYKRNDITLAVYTSAQ B
3 'polypeptide(L)'
;MVMLHSKNVKGFLENTLKPYDLHSVDFKTSSLQSSMIITATNGGILSYATSNNDVPKNSINEINSVNNLKMMSLLIKDKW
SEDENDTEEQHSNSCYPVEIDSFKTKIYTYEMEDLHTCVAQIPNSDLLLLFIAEGSFPYGLLVIKIERAMRELTDLFGYK
LG
;
C
#
# COMPACT_ATOMS: atom_id res chain seq x y z
N SER A 1 21.60 0.65 -22.00
CA SER A 1 21.06 -0.64 -21.56
C SER A 1 20.62 -1.53 -22.74
N PRO A 2 20.93 -2.82 -22.66
CA PRO A 2 20.63 -3.76 -23.76
C PRO A 2 19.15 -4.09 -23.85
N ASP A 3 18.70 -4.45 -25.05
CA ASP A 3 17.38 -5.04 -25.22
C ASP A 3 17.59 -6.55 -25.26
N SER A 4 16.52 -7.31 -25.03
CA SER A 4 16.60 -8.76 -24.94
C SER A 4 15.40 -9.37 -25.64
N ALA A 5 15.59 -10.54 -26.25
CA ALA A 5 14.49 -11.27 -26.88
C ALA A 5 13.73 -12.11 -25.85
N LYS A 6 14.22 -12.15 -24.62
CA LYS A 6 13.55 -12.88 -23.54
C LYS A 6 12.35 -12.06 -23.09
N ILE A 7 12.58 -10.78 -22.87
CA ILE A 7 11.50 -9.81 -22.73
C ILE A 7 12.04 -8.47 -23.22
N SER A 8 11.37 -7.88 -24.21
CA SER A 8 11.87 -6.63 -24.79
C SER A 8 11.57 -5.42 -23.91
N LYS A 9 12.22 -4.30 -24.19
CA LYS A 9 11.96 -3.07 -23.42
C LYS A 9 10.48 -2.66 -23.47
N GLU A 10 9.91 -2.71 -24.67
CA GLU A 10 8.51 -2.40 -24.92
C GLU A 10 7.59 -3.27 -24.07
N GLN A 11 7.85 -4.58 -24.10
CA GLN A 11 7.05 -5.53 -23.29
C GLN A 11 7.17 -5.25 -21.79
N LEU A 12 8.39 -4.98 -21.36
CA LEU A 12 8.69 -4.77 -19.96
C LEU A 12 8.00 -3.52 -19.44
N LYS A 13 8.15 -2.43 -20.18
CA LYS A 13 7.45 -1.17 -19.92
C LYS A 13 5.94 -1.38 -19.88
N LYS A 14 5.43 -2.10 -20.88
CA LYS A 14 4.01 -2.38 -20.97
C LYS A 14 3.49 -3.19 -19.78
N LEU A 15 4.28 -4.16 -19.35
CA LEU A 15 3.92 -4.94 -18.18
C LEU A 15 3.94 -4.06 -16.91
N HIS A 16 4.85 -3.10 -16.87
CA HIS A 16 4.89 -2.17 -15.75
C HIS A 16 3.61 -1.34 -15.73
N SER A 17 3.22 -0.82 -16.89
CA SER A 17 2.00 -0.01 -16.97
C SER A 17 0.74 -0.81 -16.59
N ASN A 18 0.70 -2.09 -16.99
CA ASN A 18 -0.44 -2.96 -16.68
C ASN A 18 -0.59 -3.20 -15.17
N ILE A 19 0.50 -3.56 -14.52
CA ILE A 19 0.49 -3.74 -13.07
C ILE A 19 0.00 -2.45 -12.37
N LEU A 20 0.54 -1.29 -12.76
CA LEU A 20 0.14 -0.02 -12.15
C LEU A 20 -1.34 0.27 -12.41
N ASN A 21 -1.75 0.14 -13.66
CA ASN A 21 -3.14 0.39 -14.03
C ASN A 21 -4.10 -0.46 -13.21
N GLU A 22 -3.78 -1.75 -13.05
CA GLU A 22 -4.64 -2.67 -12.33
C GLU A 22 -4.71 -2.28 -10.87
N ILE A 23 -3.56 -1.97 -10.27
CA ILE A 23 -3.51 -1.64 -8.86
C ILE A 23 -4.28 -0.34 -8.58
N PHE A 24 -4.05 0.68 -9.38
CA PHE A 24 -4.75 1.94 -9.17
C PHE A 24 -6.27 1.80 -9.44
N SER A 25 -6.64 1.00 -10.44
CA SER A 25 -8.04 0.77 -10.69
C SER A 25 -8.68 0.08 -9.47
N GLN A 26 -8.03 -0.96 -8.97
CA GLN A 26 -8.54 -1.73 -7.85
C GLN A 26 -8.38 -1.01 -6.51
N SER A 27 -7.71 0.14 -6.52
CA SER A 27 -7.54 0.91 -5.29
C SER A 27 -8.68 1.90 -5.04
N GLN A 28 -9.61 1.98 -5.99
CA GLN A 28 -10.72 2.90 -5.86
C GLN A 28 -11.69 2.27 -4.90
N VAL A 29 -12.25 3.08 -4.02
CA VAL A 29 -13.34 2.59 -3.19
C VAL A 29 -14.49 3.58 -3.21
N ASN A 30 -15.71 3.05 -3.34
CA ASN A 30 -16.88 3.90 -3.35
C ASN A 30 -17.34 4.13 -1.93
N LYS A 31 -17.61 5.39 -1.59
CA LYS A 31 -18.40 5.60 -0.38
C LYS A 31 -19.87 5.44 -0.73
N PRO A 32 -20.64 4.81 0.17
CA PRO A 32 -22.07 4.57 -0.03
C PRO A 32 -22.86 5.86 0.04
N GLY A 33 -22.26 6.89 0.63
CA GLY A 33 -22.91 8.17 0.80
C GLY A 33 -22.06 9.15 1.60
N PRO A 34 -22.60 10.35 1.89
CA PRO A 34 -21.88 11.33 2.70
C PRO A 34 -21.53 10.75 4.07
N LEU A 35 -20.36 11.09 4.59
CA LEU A 35 -19.84 10.50 5.81
C LEU A 35 -20.05 11.38 7.06
N THR A 36 -20.56 12.58 6.84
CA THR A 36 -20.87 13.51 7.92
C THR A 36 -22.30 14.02 7.90
N VAL A 37 -22.80 14.37 9.07
CA VAL A 37 -24.10 15.04 9.22
C VAL A 37 -23.94 16.29 10.08
N PRO A 38 -24.70 17.35 9.79
CA PRO A 38 -25.66 17.47 8.69
C PRO A 38 -24.96 17.58 7.34
N PHE A 39 -25.74 17.59 6.26
CA PHE A 39 -25.16 17.66 4.92
C PHE A 39 -24.86 19.08 4.51
N ASP B 9 11.44 -17.50 -21.19
CA ASP B 9 10.20 -17.29 -20.46
C ASP B 9 10.43 -16.50 -19.17
N ILE B 10 9.35 -15.93 -18.65
CA ILE B 10 9.40 -15.16 -17.42
C ILE B 10 9.32 -16.10 -16.21
N LYS B 11 10.34 -16.06 -15.36
CA LYS B 11 10.39 -16.98 -14.23
C LYS B 11 9.86 -16.33 -12.96
N GLY B 12 9.69 -15.01 -12.98
CA GLY B 12 9.20 -14.32 -11.82
C GLY B 12 9.22 -12.81 -11.97
N THR B 13 8.57 -12.11 -11.04
CA THR B 13 8.57 -10.65 -11.00
C THR B 13 8.60 -10.18 -9.56
N ILE B 14 9.14 -8.99 -9.35
CA ILE B 14 8.97 -8.24 -8.12
C ILE B 14 8.73 -6.78 -8.51
N ALA B 15 7.70 -6.16 -7.95
CA ALA B 15 7.59 -4.71 -8.04
C ALA B 15 7.83 -4.15 -6.65
N PHE B 16 8.57 -3.04 -6.59
CA PHE B 16 8.81 -2.40 -5.30
C PHE B 16 8.90 -0.88 -5.41
N ASP B 17 8.70 -0.19 -4.29
CA ASP B 17 8.63 1.26 -4.31
C ASP B 17 9.98 1.87 -3.91
N THR B 18 10.01 3.19 -3.77
CA THR B 18 11.25 3.93 -3.47
C THR B 18 11.79 3.72 -2.04
N HIS B 19 10.95 3.27 -1.12
CA HIS B 19 11.41 2.87 0.20
C HIS B 19 11.98 1.43 0.16
N GLY B 20 11.88 0.77 -0.98
CA GLY B 20 12.30 -0.61 -1.07
C GLY B 20 11.24 -1.61 -0.60
N ASN B 21 10.00 -1.16 -0.39
CA ASN B 21 8.93 -2.05 0.06
C ASN B 21 8.26 -2.75 -1.12
N VAL B 22 7.82 -3.98 -0.93
CA VAL B 22 7.29 -4.69 -2.08
C VAL B 22 5.84 -4.30 -2.32
N ILE B 23 5.50 -4.21 -3.60
CA ILE B 23 4.15 -3.98 -4.05
C ILE B 23 3.52 -5.28 -4.56
N GLU B 24 4.35 -6.14 -5.16
CA GLU B 24 3.89 -7.48 -5.54
C GLU B 24 5.09 -8.34 -5.89
N SER B 25 4.89 -9.65 -5.86
CA SER B 25 5.93 -10.59 -6.28
C SER B 25 5.30 -11.91 -6.70
N THR B 26 5.92 -12.54 -7.69
CA THR B 26 5.44 -13.80 -8.29
C THR B 26 6.67 -14.61 -8.69
N GLY B 27 6.46 -15.90 -8.94
CA GLY B 27 7.51 -16.81 -9.36
C GLY B 27 8.71 -16.81 -8.42
N VAL B 28 9.90 -16.84 -8.99
CA VAL B 28 11.12 -16.78 -8.19
C VAL B 28 11.22 -15.45 -7.46
N GLY B 29 10.46 -14.46 -7.93
CA GLY B 29 10.46 -13.15 -7.32
C GLY B 29 10.15 -13.23 -5.84
N SER B 30 9.17 -14.05 -5.49
CA SER B 30 8.76 -14.23 -4.09
C SER B 30 9.85 -14.92 -3.24
N GLN B 31 10.77 -15.61 -3.90
CA GLN B 31 11.82 -16.34 -3.22
C GLN B 31 13.08 -15.48 -3.12
N ARG B 32 13.07 -14.35 -3.82
CA ARG B 32 14.26 -13.52 -3.89
C ARG B 32 14.01 -12.09 -3.47
N ILE B 33 13.02 -11.90 -2.61
CA ILE B 33 12.70 -10.59 -2.05
C ILE B 33 13.95 -9.87 -1.52
N GLU B 34 14.91 -10.62 -1.00
CA GLU B 34 16.12 -9.99 -0.47
C GLU B 34 16.94 -9.26 -1.54
N ASP B 35 16.69 -9.58 -2.82
CA ASP B 35 17.39 -8.94 -3.93
C ASP B 35 17.17 -7.43 -3.99
N ILE B 36 16.09 -6.95 -3.37
CA ILE B 36 15.64 -5.57 -3.53
C ILE B 36 16.70 -4.59 -3.09
N GLY B 37 17.37 -4.90 -1.99
CA GLY B 37 18.49 -4.10 -1.54
C GLY B 37 19.47 -3.75 -2.66
N ASP B 38 20.00 -4.77 -3.33
CA ASP B 38 20.88 -4.56 -4.49
C ASP B 38 20.17 -3.88 -5.66
N LEU B 39 19.00 -4.42 -6.06
CA LEU B 39 18.25 -3.90 -7.20
C LEU B 39 17.95 -2.41 -7.08
N SER B 40 17.57 -1.97 -5.88
CA SER B 40 17.18 -0.59 -5.63
C SER B 40 18.37 0.35 -5.69
N LYS B 41 19.57 -0.22 -5.69
CA LYS B 41 20.80 0.56 -5.80
C LYS B 41 21.27 0.67 -7.24
N VAL B 42 20.63 -0.08 -8.14
CA VAL B 42 20.98 -0.01 -9.55
C VAL B 42 20.57 1.35 -10.14
N THR B 43 21.50 1.96 -10.86
CA THR B 43 21.25 3.21 -11.54
C THR B 43 20.78 2.93 -12.96
N LEU B 44 19.58 3.39 -13.30
CA LEU B 44 18.98 3.02 -14.58
C LEU B 44 19.47 3.91 -15.68
N ASP B 45 19.23 3.49 -16.93
CA ASP B 45 19.62 4.31 -18.07
C ASP B 45 18.67 5.52 -18.20
N ALA B 46 18.90 6.35 -19.20
CA ALA B 46 18.12 7.57 -19.41
C ALA B 46 16.62 7.32 -19.63
N GLU B 47 16.26 6.10 -20.00
CA GLU B 47 14.85 5.77 -20.22
C GLU B 47 14.26 4.92 -19.08
N GLY B 48 15.05 4.63 -18.06
CA GLY B 48 14.57 3.88 -16.91
C GLY B 48 14.81 2.39 -16.93
N PHE B 49 15.72 1.92 -17.80
CA PHE B 49 15.98 0.48 -17.94
C PHE B 49 17.36 0.07 -17.40
N ALA B 50 17.45 -1.18 -16.93
CA ALA B 50 18.73 -1.79 -16.60
C ALA B 50 18.62 -3.32 -16.65
N GLN B 51 19.76 -3.99 -16.73
CA GLN B 51 19.82 -5.44 -16.59
C GLN B 51 20.95 -5.81 -15.66
N VAL B 52 20.63 -6.54 -14.60
CA VAL B 52 21.63 -7.08 -13.70
C VAL B 52 21.30 -8.54 -13.44
N GLN B 53 22.17 -9.22 -12.71
CA GLN B 53 21.93 -10.61 -12.35
C GLN B 53 22.82 -11.05 -11.21
N GLY B 54 22.22 -11.80 -10.29
CA GLY B 54 22.97 -12.38 -9.18
C GLY B 54 23.53 -13.73 -9.59
N ASP B 55 22.69 -14.57 -10.19
CA ASP B 55 23.11 -15.88 -10.65
C ASP B 55 22.67 -16.12 -12.09
N SER B 56 22.34 -17.37 -12.36
CA SER B 56 21.87 -17.83 -13.66
C SER B 56 20.64 -17.07 -14.17
N LEU B 57 19.96 -16.35 -13.28
CA LEU B 57 18.75 -15.61 -13.66
C LEU B 57 18.98 -14.13 -13.97
N LEU B 58 18.48 -13.68 -15.12
CA LEU B 58 18.61 -12.31 -15.58
C LEU B 58 17.47 -11.46 -15.05
N VAL B 59 17.81 -10.33 -14.42
CA VAL B 59 16.81 -9.43 -13.88
C VAL B 59 16.71 -8.22 -14.79
N HIS B 60 15.52 -8.01 -15.34
CA HIS B 60 15.22 -6.88 -16.18
C HIS B 60 14.52 -5.85 -15.32
N LEU B 61 15.09 -4.66 -15.25
CA LEU B 61 14.53 -3.59 -14.43
C LEU B 61 13.92 -2.49 -15.28
N TYR B 62 12.74 -2.05 -14.90
CA TYR B 62 12.19 -0.81 -15.43
C TYR B 62 11.52 -0.02 -14.32
N LYS B 63 11.81 1.27 -14.28
CA LYS B 63 11.27 2.12 -13.25
C LYS B 63 10.57 3.33 -13.81
N ARG B 64 9.33 3.51 -13.39
CA ARG B 64 8.60 4.72 -13.71
C ARG B 64 7.62 5.00 -12.58
N ASN B 65 7.30 6.28 -12.36
CA ASN B 65 6.37 6.68 -11.32
C ASN B 65 6.72 6.11 -9.95
N ASP B 66 8.02 6.16 -9.62
CA ASP B 66 8.51 5.73 -8.32
C ASP B 66 8.31 4.23 -8.04
N ILE B 67 7.97 3.48 -9.07
CA ILE B 67 7.85 2.05 -8.90
C ILE B 67 8.74 1.27 -9.86
N THR B 68 9.56 0.41 -9.29
CA THR B 68 10.49 -0.37 -10.08
C THR B 68 9.90 -1.74 -10.33
N LEU B 69 9.95 -2.19 -11.58
CA LEU B 69 9.55 -3.54 -11.94
C LEU B 69 10.79 -4.35 -12.28
N ALA B 70 10.91 -5.52 -11.66
CA ALA B 70 11.99 -6.45 -11.95
C ALA B 70 11.37 -7.74 -12.46
N VAL B 71 11.72 -8.17 -13.67
CA VAL B 71 11.29 -9.49 -14.07
C VAL B 71 12.49 -10.39 -14.27
N TYR B 72 12.31 -11.64 -13.86
CA TYR B 72 13.36 -12.65 -13.90
C TYR B 72 13.14 -13.56 -15.11
N THR B 73 14.19 -13.72 -15.92
CA THR B 73 14.22 -14.70 -17.00
C THR B 73 15.58 -15.36 -16.92
N SER B 74 15.84 -16.33 -17.81
CA SER B 74 17.20 -16.85 -17.95
C SER B 74 18.07 -15.91 -18.79
N ALA B 75 19.38 -16.13 -18.73
CA ALA B 75 20.36 -15.31 -19.47
C ALA B 75 20.77 -15.97 -20.79
N VAL C 2 -20.82 18.92 13.84
CA VAL C 2 -20.73 17.89 12.80
C VAL C 2 -20.58 16.52 13.45
N MET C 3 -21.20 15.51 12.84
CA MET C 3 -21.08 14.15 13.33
C MET C 3 -20.88 13.19 12.17
N LEU C 4 -20.46 11.97 12.48
CA LEU C 4 -20.24 10.97 11.45
C LEU C 4 -21.53 10.24 11.12
N HIS C 5 -21.75 10.03 9.83
CA HIS C 5 -22.80 9.14 9.37
C HIS C 5 -22.31 7.71 9.56
N SER C 6 -22.57 7.15 10.74
CA SER C 6 -22.14 5.79 11.12
C SER C 6 -22.22 4.71 10.02
N LYS C 7 -23.40 4.55 9.45
CA LYS C 7 -23.65 3.51 8.47
C LYS C 7 -22.83 3.66 7.18
N ASN C 8 -22.67 4.89 6.69
CA ASN C 8 -21.86 5.13 5.50
C ASN C 8 -20.34 5.02 5.71
N VAL C 9 -19.88 5.42 6.90
CA VAL C 9 -18.48 5.25 7.22
C VAL C 9 -18.20 3.76 7.30
N LYS C 10 -19.04 3.04 8.05
CA LYS C 10 -18.99 1.59 8.13
C LYS C 10 -18.94 0.93 6.74
N GLY C 11 -19.86 1.32 5.86
CA GLY C 11 -19.87 0.84 4.49
C GLY C 11 -18.58 1.19 3.75
N PHE C 12 -18.05 2.37 3.99
CA PHE C 12 -16.79 2.74 3.37
C PHE C 12 -15.67 1.82 3.81
N LEU C 13 -15.58 1.55 5.11
CA LEU C 13 -14.53 0.69 5.63
C LEU C 13 -14.65 -0.72 5.06
N GLU C 14 -15.90 -1.20 4.95
CA GLU C 14 -16.14 -2.53 4.40
C GLU C 14 -15.63 -2.64 2.97
N ASN C 15 -15.76 -1.55 2.20
CA ASN C 15 -15.24 -1.51 0.85
C ASN C 15 -13.70 -1.52 0.81
N THR C 16 -13.05 -0.97 1.83
CA THR C 16 -11.59 -0.90 1.79
C THR C 16 -10.99 -2.28 1.99
N LEU C 17 -11.83 -3.23 2.40
CA LEU C 17 -11.39 -4.58 2.73
C LEU C 17 -10.98 -5.41 1.52
N LYS C 18 -11.49 -5.07 0.34
CA LYS C 18 -11.36 -5.94 -0.84
C LYS C 18 -9.90 -6.19 -1.21
N PRO C 19 -9.59 -7.43 -1.60
CA PRO C 19 -8.24 -7.80 -2.01
C PRO C 19 -7.87 -7.18 -3.35
N TYR C 20 -6.59 -7.20 -3.68
CA TYR C 20 -6.15 -6.94 -5.05
C TYR C 20 -6.13 -8.27 -5.80
N ASP C 21 -6.43 -8.25 -7.08
CA ASP C 21 -6.41 -9.48 -7.88
C ASP C 21 -5.96 -9.13 -9.27
N LEU C 22 -4.69 -9.34 -9.53
CA LEU C 22 -4.07 -8.91 -10.78
C LEU C 22 -4.12 -10.03 -11.80
N HIS C 23 -4.20 -9.68 -13.08
CA HIS C 23 -4.12 -10.71 -14.10
C HIS C 23 -2.90 -10.49 -14.98
N SER C 24 -2.35 -9.28 -14.98
CA SER C 24 -1.14 -8.98 -15.74
C SER C 24 0.02 -9.86 -15.28
N VAL C 25 0.12 -10.03 -13.96
CA VAL C 25 0.98 -11.03 -13.39
C VAL C 25 0.05 -11.88 -12.54
N ASP C 26 0.50 -13.07 -12.18
CA ASP C 26 -0.39 -13.96 -11.43
C ASP C 26 -0.33 -13.63 -9.94
N PHE C 27 -0.97 -12.53 -9.55
CA PHE C 27 -0.83 -12.06 -8.18
C PHE C 27 -2.14 -11.64 -7.56
N LYS C 28 -2.32 -12.00 -6.30
CA LYS C 28 -3.56 -11.77 -5.61
C LYS C 28 -3.27 -11.70 -4.12
N THR C 29 -3.87 -10.74 -3.43
CA THR C 29 -3.75 -10.69 -1.97
C THR C 29 -4.97 -11.33 -1.37
N SER C 30 -4.88 -11.64 -0.08
CA SER C 30 -6.08 -11.89 0.70
C SER C 30 -6.68 -10.53 1.03
N SER C 31 -7.93 -10.50 1.46
CA SER C 31 -8.55 -9.23 1.83
C SER C 31 -7.94 -8.73 3.14
N LEU C 32 -8.19 -7.47 3.49
CA LEU C 32 -7.69 -6.93 4.75
C LEU C 32 -8.26 -7.70 5.93
N GLN C 33 -7.50 -7.83 6.99
CA GLN C 33 -8.03 -8.41 8.20
C GLN C 33 -9.07 -7.45 8.82
N SER C 34 -8.70 -6.17 8.89
CA SER C 34 -9.64 -5.15 9.38
C SER C 34 -9.23 -3.76 8.92
N SER C 35 -10.22 -2.87 8.91
CA SER C 35 -10.05 -1.49 8.50
C SER C 35 -10.81 -0.60 9.50
N MET C 36 -10.12 0.38 10.06
CA MET C 36 -10.73 1.12 11.16
C MET C 36 -10.49 2.59 11.04
N ILE C 37 -11.43 3.35 11.59
CA ILE C 37 -11.22 4.77 11.83
C ILE C 37 -11.25 4.96 13.32
N ILE C 38 -10.21 5.60 13.84
CA ILE C 38 -10.03 5.73 15.28
C ILE C 38 -9.63 7.15 15.62
N THR C 39 -9.77 7.51 16.89
CA THR C 39 -9.39 8.83 17.35
C THR C 39 -7.89 8.92 17.54
N ALA C 40 -7.28 9.98 17.00
CA ALA C 40 -5.88 10.26 17.23
C ALA C 40 -5.63 10.55 18.71
N THR C 41 -6.67 11.00 19.40
CA THR C 41 -6.54 11.40 20.81
C THR C 41 -6.42 10.21 21.77
N ASN C 42 -7.47 9.40 21.83
CA ASN C 42 -7.54 8.33 22.83
C ASN C 42 -7.30 6.96 22.22
N GLY C 43 -7.27 6.89 20.90
CA GLY C 43 -7.17 5.62 20.23
C GLY C 43 -8.49 4.86 20.22
N GLY C 44 -9.58 5.56 20.54
CA GLY C 44 -10.90 4.96 20.56
C GLY C 44 -11.44 4.69 19.16
N ILE C 45 -12.12 3.56 18.99
CA ILE C 45 -12.64 3.16 17.68
C ILE C 45 -13.98 3.80 17.35
N LEU C 46 -14.03 4.50 16.22
CA LEU C 46 -15.27 5.14 15.81
C LEU C 46 -16.06 4.19 14.93
N SER C 47 -15.35 3.47 14.08
CA SER C 47 -15.96 2.56 13.13
C SER C 47 -14.94 1.52 12.69
N TYR C 48 -15.43 0.36 12.24
CA TYR C 48 -14.55 -0.72 11.83
C TYR C 48 -15.25 -1.69 10.89
N ALA C 49 -14.45 -2.45 10.16
CA ALA C 49 -14.93 -3.53 9.30
C ALA C 49 -13.92 -4.68 9.33
N THR C 50 -14.42 -5.91 9.35
CA THR C 50 -13.60 -7.12 9.35
C THR C 50 -13.97 -7.96 8.14
N SER C 51 -13.01 -8.75 7.65
CA SER C 51 -13.28 -9.65 6.54
C SER C 51 -13.93 -10.94 7.06
N ASN C 64 -8.70 -10.14 14.52
CA ASN C 64 -9.85 -10.94 14.12
C ASN C 64 -11.12 -10.60 14.89
N SER C 65 -11.07 -10.71 16.22
CA SER C 65 -12.23 -10.45 17.08
C SER C 65 -12.27 -9.02 17.62
N VAL C 66 -13.45 -8.58 18.07
CA VAL C 66 -13.66 -7.21 18.55
C VAL C 66 -12.72 -6.82 19.70
N ASN C 67 -12.48 -7.74 20.64
CA ASN C 67 -11.53 -7.52 21.72
C ASN C 67 -10.13 -7.20 21.17
N ASN C 68 -9.69 -8.01 20.20
CA ASN C 68 -8.39 -7.90 19.58
C ASN C 68 -8.15 -6.57 18.84
N LEU C 69 -9.20 -6.02 18.25
CA LEU C 69 -9.09 -4.77 17.51
C LEU C 69 -8.88 -3.56 18.41
N LYS C 70 -9.49 -3.59 19.60
CA LYS C 70 -9.41 -2.49 20.55
C LYS C 70 -7.98 -2.33 21.06
N MET C 71 -7.35 -3.46 21.37
CA MET C 71 -5.95 -3.51 21.77
C MET C 71 -5.01 -2.94 20.69
N MET C 72 -5.11 -3.48 19.49
CA MET C 72 -4.22 -3.10 18.41
C MET C 72 -4.35 -1.62 18.08
N SER C 73 -5.58 -1.16 18.02
CA SER C 73 -5.91 0.24 17.76
C SER C 73 -5.22 1.22 18.71
N LEU C 74 -5.32 0.97 20.01
CA LEU C 74 -4.70 1.84 20.99
C LEU C 74 -3.18 1.79 20.84
N LEU C 75 -2.64 0.58 20.63
CA LEU C 75 -1.21 0.38 20.39
C LEU C 75 -0.69 1.20 19.21
N ILE C 76 -1.33 1.05 18.06
CA ILE C 76 -0.92 1.79 16.87
C ILE C 76 -1.12 3.30 17.04
N LYS C 77 -2.17 3.69 17.73
CA LYS C 77 -2.35 5.11 18.05
C LYS C 77 -1.12 5.65 18.78
N ASP C 78 -0.69 4.98 19.84
CA ASP C 78 0.47 5.45 20.61
C ASP C 78 1.76 5.41 19.78
N LYS C 79 2.02 4.30 19.07
CA LYS C 79 3.20 4.20 18.20
C LYS C 79 3.22 5.35 17.21
N TRP C 80 2.07 5.60 16.59
CA TRP C 80 1.91 6.71 15.68
C TRP C 80 2.17 8.02 16.39
N SER C 81 1.64 8.14 17.60
CA SER C 81 1.75 9.38 18.35
C SER C 81 3.21 9.65 18.72
N GLU C 82 3.94 8.61 19.06
CA GLU C 82 5.35 8.74 19.43
C GLU C 82 6.20 9.14 18.23
N ASP C 83 5.94 8.53 17.07
CA ASP C 83 6.65 8.87 15.85
C ASP C 83 6.31 10.28 15.35
N GLU C 84 5.06 10.69 15.53
CA GLU C 84 4.59 11.97 15.02
C GLU C 84 5.09 13.20 15.81
N ASN C 85 5.95 12.97 16.80
CA ASN C 85 6.59 14.10 17.50
C ASN C 85 7.94 13.77 18.15
N ASP C 86 8.59 12.72 17.66
CA ASP C 86 9.97 12.44 18.06
C ASP C 86 10.87 13.16 17.08
N THR C 87 11.42 14.29 17.52
CA THR C 87 12.25 15.14 16.66
C THR C 87 13.48 14.40 16.13
N ASN C 93 10.79 0.37 9.97
CA ASN C 93 9.71 1.34 9.82
C ASN C 93 9.76 2.00 8.45
N SER C 94 8.62 2.52 8.01
CA SER C 94 8.56 3.33 6.81
C SER C 94 7.58 4.48 7.06
N CYS C 95 7.93 5.66 6.56
CA CYS C 95 7.05 6.82 6.64
C CYS C 95 6.91 7.44 5.25
N TYR C 96 5.68 7.65 4.79
CA TYR C 96 5.45 8.19 3.44
C TYR C 96 4.72 9.53 3.52
N PRO C 97 5.43 10.63 3.28
CA PRO C 97 4.73 11.92 3.24
C PRO C 97 3.75 11.92 2.07
N VAL C 98 2.50 12.30 2.28
CA VAL C 98 1.59 12.41 1.14
C VAL C 98 0.81 13.71 1.09
N GLU C 99 0.36 14.04 -0.10
CA GLU C 99 -0.41 15.24 -0.34
C GLU C 99 -1.70 14.86 -1.05
N ILE C 100 -2.82 15.37 -0.55
CA ILE C 100 -4.11 15.15 -1.21
C ILE C 100 -4.84 16.48 -1.29
N ASP C 101 -4.98 16.99 -2.52
CA ASP C 101 -5.63 18.27 -2.76
C ASP C 101 -5.03 19.34 -1.85
N SER C 102 -3.70 19.44 -1.87
CA SER C 102 -2.96 20.39 -1.04
C SER C 102 -3.03 20.12 0.47
N PHE C 103 -3.67 19.03 0.86
CA PHE C 103 -3.71 18.65 2.27
C PHE C 103 -2.65 17.60 2.54
N LYS C 104 -1.83 17.83 3.57
CA LYS C 104 -0.75 16.91 3.92
C LYS C 104 -1.13 15.89 4.99
N THR C 105 -0.68 14.64 4.82
CA THR C 105 -0.64 13.69 5.94
C THR C 105 0.58 12.76 5.81
N LYS C 106 0.77 11.83 6.76
CA LYS C 106 1.84 10.85 6.64
C LYS C 106 1.34 9.42 6.86
N ILE C 107 1.80 8.49 6.01
CA ILE C 107 1.45 7.10 6.17
C ILE C 107 2.58 6.33 6.85
N TYR C 108 2.26 5.67 7.97
CA TYR C 108 3.22 4.84 8.70
C TYR C 108 2.87 3.35 8.55
N THR C 109 3.90 2.51 8.47
CA THR C 109 3.74 1.06 8.51
C THR C 109 4.22 0.58 9.87
N TYR C 110 3.49 -0.38 10.43
CA TYR C 110 3.92 -0.98 11.68
C TYR C 110 3.74 -2.49 11.59
N GLU C 111 4.80 -3.22 11.94
CA GLU C 111 4.69 -4.66 12.06
C GLU C 111 4.06 -4.93 13.42
N MET C 112 2.86 -5.47 13.38
CA MET C 112 2.14 -5.84 14.59
C MET C 112 2.16 -7.35 14.66
N GLU C 113 3.09 -7.89 15.44
CA GLU C 113 3.36 -9.32 15.43
C GLU C 113 3.51 -9.77 13.98
N ASP C 114 2.78 -10.80 13.58
CA ASP C 114 2.87 -11.31 12.23
C ASP C 114 2.00 -10.54 11.25
N LEU C 115 1.38 -9.45 11.70
CA LEU C 115 0.48 -8.67 10.85
C LEU C 115 1.17 -7.42 10.29
N HIS C 116 0.73 -7.00 9.10
CA HIS C 116 1.20 -5.75 8.48
C HIS C 116 0.14 -4.66 8.62
N THR C 117 0.53 -3.51 9.15
CA THR C 117 -0.45 -2.45 9.31
C THR C 117 0.02 -1.14 8.70
N CYS C 118 -0.95 -0.34 8.26
CA CYS C 118 -0.68 1.02 7.82
C CYS C 118 -1.61 1.91 8.58
N VAL C 119 -1.12 3.08 8.96
CA VAL C 119 -1.96 4.02 9.66
C VAL C 119 -1.64 5.40 9.12
N ALA C 120 -2.65 6.25 9.01
CA ALA C 120 -2.43 7.65 8.66
C ALA C 120 -3.51 8.53 9.25
N GLN C 121 -3.10 9.71 9.70
CA GLN C 121 -4.06 10.70 10.15
C GLN C 121 -4.88 11.18 8.95
N ILE C 122 -6.20 11.22 9.11
CA ILE C 122 -7.02 11.86 8.10
C ILE C 122 -6.69 13.35 8.21
N PRO C 123 -6.25 13.97 7.11
CA PRO C 123 -5.70 15.34 7.09
C PRO C 123 -6.45 16.36 7.93
N ASN C 124 -5.71 17.08 8.76
CA ASN C 124 -6.27 18.11 9.63
C ASN C 124 -7.38 17.62 10.56
N SER C 125 -7.51 16.30 10.69
CA SER C 125 -8.55 15.74 11.56
C SER C 125 -8.01 15.20 12.88
N ASP C 126 -8.91 14.85 13.79
CA ASP C 126 -8.53 14.11 14.99
C ASP C 126 -8.67 12.60 14.78
N LEU C 127 -8.79 12.16 13.53
CA LEU C 127 -9.00 10.74 13.23
C LEU C 127 -7.83 10.08 12.52
N LEU C 128 -7.64 8.80 12.79
CA LEU C 128 -6.67 8.04 12.03
C LEU C 128 -7.40 6.96 11.25
N LEU C 129 -6.93 6.74 10.03
CA LEU C 129 -7.33 5.56 9.26
C LEU C 129 -6.30 4.45 9.47
N LEU C 130 -6.77 3.25 9.77
CA LEU C 130 -5.91 2.11 10.07
C LEU C 130 -6.28 0.86 9.25
N PHE C 131 -5.33 0.32 8.48
CA PHE C 131 -5.51 -0.95 7.79
C PHE C 131 -4.74 -2.09 8.48
N ILE C 132 -5.40 -3.22 8.68
CA ILE C 132 -4.72 -4.39 9.23
C ILE C 132 -4.82 -5.55 8.25
N ALA C 133 -3.67 -6.07 7.86
CA ALA C 133 -3.60 -7.11 6.83
C ALA C 133 -2.73 -8.24 7.36
N GLU C 134 -2.78 -9.40 6.70
CA GLU C 134 -1.88 -10.50 7.04
C GLU C 134 -0.44 -10.20 6.63
N GLY C 135 0.51 -10.93 7.20
CA GLY C 135 1.91 -10.74 6.90
C GLY C 135 2.31 -11.06 5.47
N SER C 136 1.38 -11.55 4.66
CA SER C 136 1.64 -11.82 3.26
C SER C 136 1.23 -10.64 2.37
N PHE C 137 0.55 -9.66 2.94
CA PHE C 137 0.12 -8.49 2.18
C PHE C 137 1.29 -7.52 2.09
N PRO C 138 1.81 -7.29 0.87
CA PRO C 138 3.03 -6.46 0.70
C PRO C 138 2.82 -5.03 1.19
N TYR C 139 3.76 -4.53 1.98
CA TYR C 139 3.66 -3.20 2.59
C TYR C 139 3.47 -2.08 1.57
N GLY C 140 4.30 -2.11 0.51
CA GLY C 140 4.17 -1.13 -0.56
C GLY C 140 2.77 -1.10 -1.15
N LEU C 141 2.15 -2.26 -1.29
CA LEU C 141 0.78 -2.33 -1.77
C LEU C 141 -0.20 -1.79 -0.74
N LEU C 142 0.04 -2.12 0.54
CA LEU C 142 -0.81 -1.64 1.64
C LEU C 142 -0.83 -0.12 1.67
N VAL C 143 0.35 0.46 1.50
CA VAL C 143 0.50 1.90 1.52
C VAL C 143 -0.30 2.58 0.40
N ILE C 144 -0.22 2.02 -0.81
CA ILE C 144 -0.99 2.49 -1.95
C ILE C 144 -2.49 2.40 -1.66
N LYS C 145 -2.92 1.25 -1.12
CA LYS C 145 -4.33 1.04 -0.77
C LYS C 145 -4.84 2.14 0.18
N ILE C 146 -4.06 2.43 1.22
CA ILE C 146 -4.50 3.42 2.21
C ILE C 146 -4.45 4.84 1.66
N GLU C 147 -3.46 5.14 0.82
CA GLU C 147 -3.36 6.48 0.24
C GLU C 147 -4.59 6.80 -0.64
N ARG C 148 -4.92 5.87 -1.54
CA ARG C 148 -6.11 6.01 -2.40
C ARG C 148 -7.40 6.03 -1.59
N ALA C 149 -7.50 5.18 -0.59
CA ALA C 149 -8.66 5.20 0.32
C ALA C 149 -8.85 6.59 0.93
N MET C 150 -7.76 7.16 1.42
CA MET C 150 -7.79 8.50 2.05
C MET C 150 -8.33 9.55 1.10
N ARG C 151 -8.07 9.38 -0.21
CA ARG C 151 -8.60 10.31 -1.20
C ARG C 151 -10.12 10.34 -1.23
N GLU C 152 -10.76 9.28 -0.74
CA GLU C 152 -12.21 9.22 -0.72
C GLU C 152 -12.80 9.77 0.57
N LEU C 153 -11.94 10.31 1.44
CA LEU C 153 -12.39 10.72 2.77
C LEU C 153 -12.32 12.23 3.00
N THR C 154 -12.45 13.00 1.92
CA THR C 154 -12.43 14.44 2.01
C THR C 154 -13.49 14.98 2.97
N ASP C 155 -14.66 14.32 3.03
CA ASP C 155 -15.69 14.68 4.02
C ASP C 155 -15.18 14.67 5.46
N LEU C 156 -14.10 13.94 5.74
CA LEU C 156 -13.61 13.86 7.12
C LEU C 156 -12.38 14.69 7.38
N PHE C 157 -11.84 15.34 6.35
CA PHE C 157 -10.71 16.26 6.56
C PHE C 157 -11.16 17.35 7.54
N GLY C 158 -10.33 17.68 8.52
CA GLY C 158 -10.66 18.74 9.45
C GLY C 158 -11.65 18.36 10.55
N TYR C 159 -12.14 17.13 10.51
CA TYR C 159 -13.02 16.63 11.57
C TYR C 159 -12.33 16.75 12.91
N LYS C 160 -12.90 17.59 13.77
CA LYS C 160 -12.29 17.88 15.06
C LYS C 160 -13.17 17.31 16.18
N LEU C 161 -12.55 16.71 17.18
CA LEU C 161 -13.26 16.28 18.39
C LEU C 161 -13.33 17.39 19.43
#